data_5M9F
#
_entry.id   5M9F
#
_cell.length_a   50.690
_cell.length_b   81.311
_cell.length_c   154.239
_cell.angle_alpha   90.00
_cell.angle_beta   90.00
_cell.angle_gamma   90.00
#
_symmetry.space_group_name_H-M   'P 21 21 21'
#
loop_
_entity.id
_entity.type
_entity.pdbx_description
1 polymer ORF68
2 non-polymer 'ACETATE ION'
3 non-polymer 'SODIUM ION'
4 water water
#
_entity_poly.entity_id   1
_entity_poly.type   'polypeptide(L)'
_entity_poly.pdbx_seq_one_letter_code
;GSSHHHHHHSSGLVPRGSHMASMTGGQQMGRGPKDMEKYLLSSIRDDGSASFPLLVYTSDSKTFQQAIIDHIDRTGQTTF
TFYVQGGVSGSPMSNSCRGLFMSDTPNTSSLHGVYNAIGTDGRNVTGSVVGSNWTSPKTSPSHKELWTGAQSFLSTGTTK
NLSDDISNYSYVEVYTTHKTTEKTKGNDNTGTICHKFYLDGSGTYVCSGTFVSGDRTDTKPPITEFYRVGVSFKGSTWTL
VDSAVQNSKTQYVTRIIGINMP
;
_entity_poly.pdbx_strand_id   A,B,C
#
loop_
_chem_comp.id
_chem_comp.type
_chem_comp.name
_chem_comp.formula
ACT non-polymer 'ACETATE ION' 'C2 H3 O2 -1'
NA non-polymer 'SODIUM ION' 'Na 1'
#
# COMPACT_ATOMS: atom_id res chain seq x y z
N SER A 51 -5.52 31.97 -17.28
CA SER A 51 -4.94 32.30 -15.94
C SER A 51 -3.47 31.91 -15.90
N PHE A 52 -2.82 32.26 -14.79
CA PHE A 52 -1.40 32.14 -14.65
C PHE A 52 -1.16 31.27 -13.39
N PRO A 53 -0.71 30.02 -13.57
CA PRO A 53 -0.40 29.27 -12.34
C PRO A 53 0.72 29.92 -11.55
N LEU A 54 0.75 29.66 -10.25
CA LEU A 54 1.84 30.02 -9.39
C LEU A 54 3.08 29.28 -9.81
N LEU A 55 4.17 30.03 -10.03
CA LEU A 55 5.48 29.41 -10.34
C LEU A 55 6.47 29.70 -9.25
N VAL A 56 7.10 28.64 -8.71
CA VAL A 56 8.04 28.78 -7.60
C VAL A 56 9.40 28.19 -8.04
N TYR A 57 10.41 29.07 -8.13
CA TYR A 57 11.80 28.72 -8.54
C TYR A 57 12.70 28.72 -7.32
N THR A 58 13.75 27.91 -7.32
CA THR A 58 14.75 27.96 -6.24
C THR A 58 15.42 29.32 -6.17
N SER A 59 15.62 29.96 -7.32
CA SER A 59 16.21 31.28 -7.41
C SER A 59 15.35 32.42 -6.85
N ASP A 60 14.05 32.20 -6.64
CA ASP A 60 13.20 33.13 -5.87
C ASP A 60 13.65 33.25 -4.40
N SER A 61 14.29 32.23 -3.83
CA SER A 61 14.69 32.22 -2.42
C SER A 61 13.51 32.38 -1.46
N LYS A 62 12.48 31.62 -1.72
CA LYS A 62 11.19 31.75 -1.04
C LYS A 62 10.70 30.34 -0.76
N THR A 63 10.22 30.07 0.43
CA THR A 63 9.64 28.78 0.63
C THR A 63 8.35 28.60 -0.22
N PHE A 64 7.95 27.36 -0.36
CA PHE A 64 6.64 26.98 -0.95
C PHE A 64 5.50 27.67 -0.19
N GLN A 65 5.57 27.57 1.13
CA GLN A 65 4.53 28.12 1.99
C GLN A 65 4.42 29.67 1.75
N GLN A 66 5.54 30.37 1.68
CA GLN A 66 5.50 31.84 1.50
C GLN A 66 5.08 32.20 0.07
N ALA A 67 5.49 31.36 -0.90
CA ALA A 67 5.06 31.51 -2.27
C ALA A 67 3.50 31.41 -2.41
N ILE A 68 2.89 30.45 -1.75
CA ILE A 68 1.45 30.29 -1.74
C ILE A 68 0.82 31.56 -1.09
N ILE A 69 1.33 31.92 0.05
CA ILE A 69 0.83 33.15 0.76
C ILE A 69 0.90 34.41 -0.09
N ASP A 70 2.07 34.63 -0.71
CA ASP A 70 2.28 35.76 -1.57
C ASP A 70 1.38 35.73 -2.77
N HIS A 71 1.14 34.54 -3.35
CA HIS A 71 0.24 34.46 -4.49
C HIS A 71 -1.18 34.86 -4.14
N ILE A 72 -1.63 34.39 -3.00
CA ILE A 72 -3.01 34.64 -2.52
C ILE A 72 -3.14 36.14 -2.14
N ASP A 73 -2.12 36.68 -1.48
CA ASP A 73 -2.06 38.18 -1.22
C ASP A 73 -2.17 39.04 -2.47
N ARG A 74 -1.37 38.68 -3.46
CA ARG A 74 -1.29 39.40 -4.69
C ARG A 74 -2.52 39.26 -5.60
N THR A 75 -3.19 38.09 -5.59
CA THR A 75 -4.22 37.74 -6.59
C THR A 75 -5.60 37.58 -6.04
N GLY A 76 -5.71 37.31 -4.74
CA GLY A 76 -6.94 36.89 -4.15
C GLY A 76 -7.53 35.54 -4.51
N GLN A 77 -6.81 34.74 -5.31
CA GLN A 77 -7.30 33.41 -5.75
C GLN A 77 -7.30 32.45 -4.60
N THR A 78 -8.28 31.60 -4.58
CA THR A 78 -8.36 30.57 -3.58
C THR A 78 -8.08 29.17 -4.12
N THR A 79 -8.36 28.96 -5.39
CA THR A 79 -8.03 27.69 -6.06
C THR A 79 -7.19 27.97 -7.25
N PHE A 80 -6.03 27.30 -7.39
CA PHE A 80 -5.15 27.55 -8.50
C PHE A 80 -4.13 26.45 -8.62
N THR A 81 -3.52 26.35 -9.79
CA THR A 81 -2.44 25.39 -9.98
C THR A 81 -1.11 26.02 -9.75
N PHE A 82 -0.10 25.15 -9.58
CA PHE A 82 1.23 25.56 -9.30
C PHE A 82 2.29 24.61 -9.88
N TYR A 83 3.47 25.18 -10.10
CA TYR A 83 4.73 24.53 -10.47
C TYR A 83 5.74 24.91 -9.38
N VAL A 84 6.42 23.91 -8.84
CA VAL A 84 7.45 24.10 -7.85
C VAL A 84 8.73 23.34 -8.36
N GLN A 85 9.76 24.10 -8.64
CA GLN A 85 11.03 23.56 -9.02
C GLN A 85 11.61 22.74 -7.90
N GLY A 86 12.21 21.60 -8.28
CA GLY A 86 12.90 20.75 -7.36
C GLY A 86 14.02 21.52 -6.65
N GLY A 87 14.02 21.43 -5.34
CA GLY A 87 15.00 22.11 -4.50
C GLY A 87 14.38 23.26 -3.73
N VAL A 88 13.18 23.69 -4.10
CA VAL A 88 12.51 24.76 -3.34
C VAL A 88 12.25 24.31 -1.93
N SER A 89 12.65 25.15 -0.98
CA SER A 89 12.46 24.84 0.42
C SER A 89 10.95 24.77 0.82
N GLY A 90 10.59 23.71 1.56
CA GLY A 90 9.21 23.41 2.00
C GLY A 90 8.28 22.83 0.93
N SER A 91 8.81 22.55 -0.25
CA SER A 91 7.99 22.00 -1.35
C SER A 91 7.31 20.69 -0.92
N PRO A 92 6.17 20.35 -1.51
CA PRO A 92 5.63 19.01 -1.22
C PRO A 92 6.60 17.86 -1.53
N MET A 93 7.57 18.09 -2.40
CA MET A 93 8.58 17.07 -2.67
C MET A 93 9.91 17.59 -3.18
N SER A 94 10.89 16.68 -3.27
CA SER A 94 12.27 17.01 -3.65
C SER A 94 12.46 17.28 -5.08
N ASN A 95 11.86 16.45 -5.94
CA ASN A 95 11.87 16.67 -7.35
C ASN A 95 10.85 17.78 -7.71
N SER A 96 10.96 18.29 -8.94
CA SER A 96 9.95 19.25 -9.45
C SER A 96 8.56 18.64 -9.43
N CYS A 97 7.54 19.46 -9.21
CA CYS A 97 6.19 18.98 -9.20
C CYS A 97 5.23 20.06 -9.71
N ARG A 98 4.04 19.64 -10.09
CA ARG A 98 2.92 20.55 -10.31
C ARG A 98 1.79 20.08 -9.48
N GLY A 99 0.82 20.96 -9.26
CA GLY A 99 -0.27 20.60 -8.38
C GLY A 99 -1.37 21.63 -8.33
N LEU A 100 -2.35 21.34 -7.47
CA LEU A 100 -3.55 22.14 -7.29
C LEU A 100 -3.65 22.51 -5.82
N PHE A 101 -3.82 23.80 -5.53
CA PHE A 101 -4.13 24.32 -4.21
C PHE A 101 -5.62 24.70 -4.19
N MET A 102 -6.32 24.31 -3.14
CA MET A 102 -7.79 24.50 -3.01
C MET A 102 -8.05 25.14 -1.66
N SER A 103 -8.85 26.20 -1.66
CA SER A 103 -9.27 26.84 -0.42
C SER A 103 -10.54 27.59 -0.82
N ASP A 104 -11.23 28.14 0.17
CA ASP A 104 -12.39 29.02 -0.15
C ASP A 104 -12.31 30.43 0.39
N THR A 105 -11.44 30.68 1.36
CA THR A 105 -11.23 32.05 1.92
C THR A 105 -9.78 32.49 1.80
N PRO A 106 -9.55 33.59 1.09
CA PRO A 106 -8.16 34.03 0.84
C PRO A 106 -7.56 34.84 1.99
N ASN A 107 -7.79 34.38 3.21
CA ASN A 107 -7.27 35.05 4.42
C ASN A 107 -5.89 34.50 4.79
N THR A 108 -4.84 35.22 4.45
CA THR A 108 -3.51 34.67 4.56
C THR A 108 -2.96 34.74 6.01
N SER A 109 -3.63 35.45 6.93
CA SER A 109 -3.30 35.42 8.34
C SER A 109 -3.79 34.18 9.01
N SER A 110 -4.79 33.48 8.44
CA SER A 110 -5.25 32.21 9.03
C SER A 110 -5.77 31.32 7.89
N LEU A 111 -4.83 30.79 7.14
CA LEU A 111 -5.13 30.12 5.89
C LEU A 111 -5.64 28.69 6.13
N HIS A 112 -6.71 28.29 5.44
CA HIS A 112 -7.25 26.93 5.51
C HIS A 112 -7.34 26.41 4.10
N GLY A 113 -6.61 25.32 3.82
CA GLY A 113 -6.65 24.80 2.47
C GLY A 113 -5.93 23.47 2.35
N VAL A 114 -5.92 22.95 1.13
CA VAL A 114 -5.26 21.68 0.85
C VAL A 114 -4.57 21.78 -0.49
N TYR A 115 -3.60 20.90 -0.72
CA TYR A 115 -2.98 20.76 -2.03
C TYR A 115 -2.77 19.30 -2.46
N ASN A 116 -2.70 19.10 -3.78
CA ASN A 116 -2.53 17.76 -4.37
C ASN A 116 -1.48 17.91 -5.44
N ALA A 117 -0.30 17.34 -5.27
CA ALA A 117 0.82 17.56 -6.20
C ALA A 117 1.33 16.22 -6.77
N ILE A 118 1.85 16.30 -7.99
CA ILE A 118 2.42 15.16 -8.72
C ILE A 118 3.85 15.52 -9.11
N GLY A 119 4.80 14.61 -8.82
CA GLY A 119 6.20 14.79 -9.21
C GLY A 119 6.59 14.31 -10.59
N THR A 120 7.83 14.49 -10.94
CA THR A 120 8.40 14.05 -12.23
C THR A 120 8.41 12.55 -12.42
N ASP A 121 8.32 11.80 -11.33
CA ASP A 121 8.16 10.31 -11.39
C ASP A 121 6.76 9.87 -11.17
N GLY A 122 5.80 10.78 -11.24
CA GLY A 122 4.41 10.40 -11.02
C GLY A 122 3.94 10.24 -9.57
N ARG A 123 4.81 10.47 -8.60
CA ARG A 123 4.40 10.27 -7.22
C ARG A 123 3.41 11.35 -6.83
N ASN A 124 2.47 10.94 -6.02
CA ASN A 124 1.37 11.79 -5.57
C ASN A 124 1.59 12.17 -4.09
N VAL A 125 1.55 13.47 -3.82
CA VAL A 125 1.73 14.03 -2.51
C VAL A 125 0.56 15.02 -2.22
N THR A 126 -0.06 14.85 -1.05
CA THR A 126 -1.21 15.67 -0.65
C THR A 126 -0.89 16.29 0.73
N GLY A 127 -1.48 17.45 1.01
CA GLY A 127 -1.16 18.08 2.27
C GLY A 127 -2.17 19.16 2.56
N SER A 128 -2.00 19.76 3.74
CA SER A 128 -2.98 20.76 4.19
C SER A 128 -2.34 21.88 4.98
N VAL A 129 -3.12 22.96 5.09
CA VAL A 129 -2.74 24.10 5.93
C VAL A 129 -4.00 24.46 6.67
N VAL A 130 -3.82 24.62 7.97
CA VAL A 130 -4.93 24.73 8.90
C VAL A 130 -4.60 25.89 9.84
N GLY A 131 -5.27 27.02 9.61
CA GLY A 131 -5.01 28.24 10.36
C GLY A 131 -3.57 28.64 10.23
N SER A 132 -3.07 28.58 9.00
CA SER A 132 -1.68 28.86 8.68
C SER A 132 -0.63 27.91 9.30
N ASN A 133 -1.04 26.77 9.87
CA ASN A 133 -0.11 25.69 10.25
C ASN A 133 -0.08 24.56 9.17
N TRP A 134 1.08 24.31 8.58
CA TRP A 134 1.23 23.35 7.46
C TRP A 134 1.55 21.93 7.97
N THR A 135 0.70 20.97 7.67
CA THR A 135 0.92 19.54 8.03
C THR A 135 2.00 18.86 7.17
N SER A 136 2.51 17.72 7.62
CA SER A 136 3.58 17.04 6.91
C SER A 136 2.95 16.48 5.61
N PRO A 137 3.60 16.71 4.49
CA PRO A 137 2.99 16.20 3.24
C PRO A 137 2.91 14.67 3.21
N LYS A 138 1.83 14.15 2.67
CA LYS A 138 1.61 12.69 2.67
C LYS A 138 1.89 12.15 1.27
N THR A 139 2.89 11.26 1.18
CA THR A 139 3.18 10.58 -0.08
C THR A 139 2.48 9.24 -0.18
N SER A 140 1.83 9.01 -1.31
CA SER A 140 1.10 7.76 -1.56
C SER A 140 2.02 6.74 -2.20
N PRO A 141 1.83 5.46 -1.89
CA PRO A 141 2.43 4.43 -2.70
C PRO A 141 1.66 4.21 -4.00
N SER A 142 2.20 3.34 -4.82
CA SER A 142 1.52 2.91 -6.01
C SER A 142 1.93 1.50 -6.41
N HIS A 143 1.22 0.96 -7.39
CA HIS A 143 1.51 -0.39 -7.84
C HIS A 143 1.18 -0.56 -9.31
N LYS A 144 1.62 -1.67 -9.85
CA LYS A 144 1.12 -2.21 -11.14
C LYS A 144 1.15 -3.72 -11.06
N GLU A 145 0.05 -4.33 -11.40
CA GLU A 145 0.01 -5.78 -11.53
C GLU A 145 0.90 -6.22 -12.71
N LEU A 146 1.92 -7.01 -12.45
CA LEU A 146 2.95 -7.37 -13.51
C LEU A 146 2.73 -8.74 -14.13
N TRP A 147 2.13 -9.65 -13.39
CA TRP A 147 1.92 -11.03 -13.85
C TRP A 147 0.90 -11.68 -13.02
N THR A 148 0.00 -12.46 -13.65
CA THR A 148 -0.88 -13.38 -12.93
C THR A 148 -0.96 -14.66 -13.74
N GLY A 149 -1.22 -15.76 -13.07
CA GLY A 149 -1.29 -17.08 -13.68
C GLY A 149 -1.19 -18.17 -12.62
N ALA A 150 -0.56 -19.27 -12.97
CA ALA A 150 -0.46 -20.41 -12.07
C ALA A 150 0.75 -21.25 -12.47
N GLN A 151 1.90 -20.90 -11.91
CA GLN A 151 3.16 -21.61 -12.18
C GLN A 151 3.45 -22.55 -11.03
N SER A 152 3.39 -23.87 -11.29
CA SER A 152 3.79 -24.87 -10.30
C SER A 152 5.18 -24.59 -9.75
N PHE A 153 5.37 -24.77 -8.45
CA PHE A 153 6.72 -24.69 -7.84
C PHE A 153 7.70 -25.67 -8.51
N LEU A 154 7.18 -26.74 -9.09
CA LEU A 154 8.03 -27.68 -9.80
C LEU A 154 8.51 -27.18 -11.15
N SER A 155 7.96 -26.09 -11.70
CA SER A 155 8.45 -25.58 -12.96
C SER A 155 9.73 -24.70 -12.86
N THR A 156 10.78 -25.22 -12.23
CA THR A 156 12.02 -24.52 -12.03
C THR A 156 12.76 -24.27 -13.37
N GLY A 157 13.37 -23.11 -13.50
CA GLY A 157 14.09 -22.71 -14.69
C GLY A 157 13.19 -22.16 -15.77
N THR A 158 11.93 -21.85 -15.45
CA THR A 158 10.99 -21.34 -16.44
C THR A 158 10.83 -19.81 -16.28
N THR A 159 10.79 -19.11 -17.41
CA THR A 159 10.70 -17.68 -17.46
C THR A 159 9.39 -17.21 -18.10
N LYS A 160 8.74 -16.21 -17.48
CA LYS A 160 7.50 -15.63 -17.98
C LYS A 160 7.63 -14.13 -18.10
N ASN A 161 6.67 -13.44 -18.73
CA ASN A 161 6.85 -12.02 -18.92
C ASN A 161 6.16 -11.24 -17.80
N LEU A 162 6.73 -10.09 -17.50
CA LEU A 162 6.09 -9.04 -16.70
C LEU A 162 5.52 -8.03 -17.69
N SER A 163 4.49 -7.32 -17.27
CA SER A 163 3.83 -6.33 -18.08
C SER A 163 4.54 -4.99 -18.06
N ASP A 164 5.64 -4.86 -17.27
CA ASP A 164 6.46 -3.67 -17.24
C ASP A 164 7.82 -4.12 -16.78
N ASP A 165 8.80 -3.26 -16.91
CA ASP A 165 10.16 -3.60 -16.55
C ASP A 165 10.32 -3.52 -15.04
N ILE A 166 11.04 -4.49 -14.47
CA ILE A 166 11.18 -4.57 -12.99
C ILE A 166 11.94 -3.32 -12.47
N SER A 167 12.75 -2.67 -13.33
CA SER A 167 13.47 -1.46 -12.91
C SER A 167 12.62 -0.26 -12.63
N ASN A 168 11.35 -0.25 -13.04
CA ASN A 168 10.42 0.82 -12.70
C ASN A 168 9.79 0.68 -11.29
N TYR A 169 10.28 -0.28 -10.51
CA TYR A 169 9.69 -0.62 -9.16
C TYR A 169 10.82 -0.69 -8.15
N SER A 170 10.52 -0.32 -6.92
CA SER A 170 11.47 -0.51 -5.83
C SER A 170 11.14 -1.69 -4.90
N TYR A 171 9.87 -2.11 -4.90
CA TYR A 171 9.39 -3.21 -4.09
C TYR A 171 8.53 -4.13 -4.96
N VAL A 172 8.24 -5.32 -4.46
CA VAL A 172 7.42 -6.27 -5.22
C VAL A 172 6.68 -7.12 -4.26
N GLU A 173 5.48 -7.57 -4.63
CA GLU A 173 4.76 -8.59 -3.88
C GLU A 173 4.63 -9.83 -4.73
N VAL A 174 5.07 -10.95 -4.21
CA VAL A 174 4.95 -12.23 -4.89
C VAL A 174 3.93 -13.06 -4.15
N TYR A 175 2.89 -13.56 -4.84
CA TYR A 175 1.80 -14.30 -4.20
C TYR A 175 1.88 -15.79 -4.50
N THR A 176 1.73 -16.60 -3.48
CA THR A 176 1.77 -18.06 -3.62
C THR A 176 0.48 -18.67 -3.08
N THR A 177 0.08 -19.79 -3.62
CA THR A 177 -1.21 -20.39 -3.39
C THR A 177 -0.98 -21.85 -3.17
N HIS A 178 -1.40 -22.33 -2.01
CA HIS A 178 -0.93 -23.60 -1.49
C HIS A 178 -2.01 -24.58 -1.15
N LYS A 179 -1.57 -25.83 -1.08
CA LYS A 179 -2.36 -26.89 -0.54
C LYS A 179 -1.54 -27.58 0.53
N THR A 180 -2.04 -27.51 1.74
CA THR A 180 -1.32 -28.07 2.88
C THR A 180 -1.26 -29.61 2.87
N THR A 181 -0.33 -30.17 3.63
CA THR A 181 -0.15 -31.62 3.58
C THR A 181 -1.43 -32.36 3.94
N GLU A 182 -2.09 -31.91 4.98
CA GLU A 182 -3.34 -32.48 5.44
C GLU A 182 -4.46 -31.51 5.37
N LYS A 183 -5.70 -32.03 5.35
CA LYS A 183 -6.88 -31.19 5.35
C LYS A 183 -7.13 -30.74 6.77
N THR A 184 -7.61 -29.51 6.95
CA THR A 184 -7.98 -29.00 8.24
C THR A 184 -9.45 -28.68 8.10
N LYS A 185 -10.27 -29.30 8.96
CA LYS A 185 -11.72 -29.18 8.84
C LYS A 185 -12.17 -29.29 7.37
N GLY A 186 -11.65 -30.32 6.73
CA GLY A 186 -12.02 -30.69 5.37
C GLY A 186 -11.47 -29.88 4.22
N ASN A 187 -10.54 -28.95 4.47
CA ASN A 187 -10.00 -28.07 3.42
C ASN A 187 -8.50 -28.01 3.55
N ASP A 188 -7.78 -28.17 2.44
CA ASP A 188 -6.31 -28.02 2.44
C ASP A 188 -5.87 -26.70 1.81
N ASN A 189 -6.81 -25.87 1.35
CA ASN A 189 -6.46 -24.64 0.67
C ASN A 189 -6.10 -23.56 1.68
N THR A 190 -5.17 -22.65 1.30
CA THR A 190 -4.60 -21.65 2.19
C THR A 190 -5.02 -20.26 1.88
N GLY A 191 -5.62 -20.04 0.70
CA GLY A 191 -5.70 -18.71 0.13
C GLY A 191 -4.41 -18.36 -0.56
N THR A 192 -4.34 -17.18 -1.14
CA THR A 192 -3.21 -16.74 -1.89
C THR A 192 -2.45 -15.73 -1.07
N ILE A 193 -1.22 -16.06 -0.73
CA ILE A 193 -0.40 -15.38 0.31
C ILE A 193 0.63 -14.43 -0.27
N CYS A 194 0.70 -13.20 0.25
CA CYS A 194 1.66 -12.23 -0.13
C CYS A 194 3.02 -12.36 0.56
N HIS A 195 4.06 -12.31 -0.25
CA HIS A 195 5.46 -12.10 0.16
C HIS A 195 5.96 -10.80 -0.45
N LYS A 196 6.20 -9.78 0.39
CA LYS A 196 6.63 -8.46 -0.07
C LYS A 196 8.14 -8.28 0.11
N PHE A 197 8.83 -7.81 -0.93
CA PHE A 197 10.22 -7.60 -0.89
C PHE A 197 10.59 -6.19 -1.31
N TYR A 198 11.72 -5.72 -0.81
CA TYR A 198 12.42 -4.61 -1.39
C TYR A 198 13.41 -5.19 -2.44
N LEU A 199 13.40 -4.59 -3.61
CA LEU A 199 14.24 -5.10 -4.72
C LEU A 199 15.70 -4.63 -4.53
N ASP A 200 16.53 -5.53 -4.01
CA ASP A 200 17.91 -5.22 -3.55
C ASP A 200 19.02 -5.78 -4.41
N GLY A 201 18.67 -6.29 -5.59
CA GLY A 201 19.66 -6.82 -6.52
C GLY A 201 19.99 -8.27 -6.27
N SER A 202 19.25 -8.97 -5.39
CA SER A 202 19.48 -10.38 -5.15
C SER A 202 19.19 -11.21 -6.43
N GLY A 203 19.95 -12.28 -6.59
CA GLY A 203 19.71 -13.27 -7.60
C GLY A 203 18.45 -14.04 -7.38
N THR A 204 18.00 -14.16 -6.10
CA THR A 204 16.86 -14.93 -5.75
C THR A 204 16.10 -14.18 -4.66
N TYR A 205 14.80 -13.97 -4.90
CA TYR A 205 13.86 -13.51 -3.89
C TYR A 205 13.19 -14.77 -3.31
N VAL A 206 13.38 -15.00 -2.01
CA VAL A 206 13.00 -16.25 -1.41
C VAL A 206 11.71 -16.13 -0.64
N CYS A 207 10.66 -16.86 -1.08
CA CYS A 207 9.37 -16.96 -0.40
C CYS A 207 9.39 -18.26 0.36
N SER A 208 9.58 -18.22 1.68
CA SER A 208 9.73 -19.43 2.44
C SER A 208 8.93 -19.30 3.70
N GLY A 209 8.18 -20.34 4.02
CA GLY A 209 7.43 -20.35 5.25
C GLY A 209 7.00 -21.74 5.60
N THR A 210 6.02 -21.77 6.48
CA THR A 210 5.52 -22.98 7.10
C THR A 210 3.99 -22.97 7.19
N PHE A 211 3.39 -24.18 7.27
CA PHE A 211 1.98 -24.36 7.56
C PHE A 211 1.82 -25.43 8.65
N VAL A 212 0.88 -25.18 9.54
CA VAL A 212 0.35 -26.23 10.39
C VAL A 212 -0.91 -26.75 9.67
N SER A 213 -1.19 -28.04 9.69
CA SER A 213 -2.43 -28.59 9.08
C SER A 213 -2.87 -29.87 9.75
N GLY A 214 -4.11 -30.23 9.54
CA GLY A 214 -4.63 -31.45 10.17
C GLY A 214 -5.54 -31.14 11.33
N ASP A 215 -6.48 -32.04 11.60
CA ASP A 215 -7.32 -31.97 12.79
C ASP A 215 -6.69 -32.74 13.92
N ARG A 216 -6.37 -32.08 15.00
CA ARG A 216 -5.83 -32.79 16.17
C ARG A 216 -6.76 -33.93 16.65
N THR A 217 -6.23 -35.14 16.85
CA THR A 217 -6.92 -36.17 17.67
C THR A 217 -6.10 -36.39 18.96
N ASP A 218 -6.60 -37.20 19.87
CA ASP A 218 -5.79 -37.56 21.04
C ASP A 218 -4.53 -38.35 20.70
N THR A 219 -4.56 -39.09 19.59
CA THR A 219 -3.42 -39.89 19.09
C THR A 219 -2.46 -39.17 18.10
N LYS A 220 -2.96 -38.13 17.43
CA LYS A 220 -2.27 -37.53 16.24
C LYS A 220 -2.40 -36.02 16.31
N PRO A 221 -1.30 -35.34 16.62
CA PRO A 221 -1.38 -33.87 16.58
C PRO A 221 -1.34 -33.33 15.14
N PRO A 222 -1.63 -32.03 14.95
CA PRO A 222 -1.45 -31.44 13.63
C PRO A 222 0.00 -31.59 13.14
N ILE A 223 0.17 -31.68 11.85
CA ILE A 223 1.49 -31.72 11.30
C ILE A 223 1.99 -30.33 10.86
N THR A 224 3.32 -30.23 10.68
CA THR A 224 3.97 -29.00 10.26
C THR A 224 4.68 -29.29 8.96
N GLU A 225 4.82 -28.26 8.13
CA GLU A 225 5.56 -28.40 6.90
C GLU A 225 6.23 -27.07 6.59
N PHE A 226 7.27 -27.17 5.79
CA PHE A 226 8.05 -26.04 5.30
C PHE A 226 7.87 -25.98 3.80
N TYR A 227 7.87 -24.78 3.25
CA TYR A 227 7.90 -24.60 1.81
C TYR A 227 8.83 -23.50 1.42
N ARG A 228 9.24 -23.55 0.17
CA ARG A 228 9.96 -22.46 -0.43
C ARG A 228 9.73 -22.38 -1.93
N VAL A 229 9.67 -21.16 -2.44
CA VAL A 229 9.91 -20.90 -3.83
C VAL A 229 10.80 -19.68 -3.96
N GLY A 230 11.82 -19.76 -4.81
CA GLY A 230 12.69 -18.67 -5.13
C GLY A 230 12.46 -18.18 -6.54
N VAL A 231 12.33 -16.87 -6.70
CA VAL A 231 12.14 -16.24 -7.99
C VAL A 231 13.21 -15.18 -8.28
N SER A 232 13.36 -14.85 -9.55
CA SER A 232 14.29 -13.82 -9.98
C SER A 232 13.65 -12.92 -11.02
N PHE A 233 14.16 -11.72 -11.17
CA PHE A 233 13.60 -10.78 -12.11
C PHE A 233 14.72 -10.27 -12.98
N LYS A 234 14.39 -10.06 -14.26
CA LYS A 234 15.33 -9.40 -15.21
C LYS A 234 14.54 -8.68 -16.28
N GLY A 235 14.72 -7.37 -16.36
CA GLY A 235 13.95 -6.53 -17.24
C GLY A 235 12.48 -6.78 -17.07
N SER A 236 11.83 -7.15 -18.18
CA SER A 236 10.38 -7.43 -18.27
C SER A 236 10.09 -8.88 -18.14
N THR A 237 10.90 -9.60 -17.36
CA THR A 237 10.67 -11.04 -17.18
C THR A 237 10.91 -11.45 -15.72
N TRP A 238 10.43 -12.62 -15.38
CA TRP A 238 10.68 -13.30 -14.13
C TRP A 238 10.86 -14.79 -14.35
N THR A 239 11.64 -15.39 -13.46
CA THR A 239 11.99 -16.81 -13.51
C THR A 239 11.76 -17.46 -12.13
N LEU A 240 11.21 -18.67 -12.16
CA LEU A 240 10.98 -19.50 -10.99
C LEU A 240 12.22 -20.33 -10.94
N VAL A 241 13.05 -20.01 -9.98
CA VAL A 241 14.43 -20.52 -9.91
C VAL A 241 14.57 -21.80 -9.14
N ASP A 242 13.85 -21.92 -8.01
CA ASP A 242 14.05 -23.05 -7.13
C ASP A 242 12.82 -23.21 -6.32
N SER A 243 12.64 -24.40 -5.78
CA SER A 243 11.55 -24.60 -4.83
C SER A 243 11.81 -25.82 -4.00
N ALA A 244 11.03 -25.93 -2.93
CA ALA A 244 10.98 -27.09 -2.06
C ALA A 244 9.59 -27.24 -1.54
N VAL A 245 9.03 -28.43 -1.72
CA VAL A 245 7.70 -28.77 -1.30
C VAL A 245 7.79 -30.07 -0.48
N GLN A 246 7.13 -30.13 0.67
CA GLN A 246 7.16 -31.30 1.56
C GLN A 246 5.94 -32.20 1.50
N ASN A 247 5.22 -32.16 0.38
CA ASN A 247 4.11 -33.04 0.18
C ASN A 247 3.96 -33.28 -1.29
N SER A 248 2.97 -34.08 -1.66
CA SER A 248 2.78 -34.47 -3.04
C SER A 248 1.79 -33.58 -3.84
N LYS A 249 1.37 -32.45 -3.26
CA LYS A 249 0.37 -31.63 -3.87
C LYS A 249 1.03 -30.45 -4.55
N THR A 250 0.33 -29.89 -5.53
CA THR A 250 0.90 -28.84 -6.39
C THR A 250 0.69 -27.48 -5.73
N GLN A 251 1.77 -26.72 -5.68
CA GLN A 251 1.81 -25.35 -5.11
C GLN A 251 2.12 -24.43 -6.27
N TYR A 252 1.56 -23.22 -6.24
CA TYR A 252 1.76 -22.29 -7.32
C TYR A 252 2.22 -20.89 -6.93
N VAL A 253 2.98 -20.28 -7.81
CA VAL A 253 3.17 -18.82 -7.85
C VAL A 253 2.00 -18.32 -8.71
N THR A 254 1.20 -17.39 -8.20
CA THR A 254 -0.01 -16.92 -8.89
C THR A 254 -0.07 -15.45 -9.25
N ARG A 255 0.66 -14.56 -8.56
CA ARG A 255 0.61 -13.14 -8.89
C ARG A 255 1.90 -12.46 -8.51
N ILE A 256 2.28 -11.48 -9.31
CA ILE A 256 3.42 -10.59 -9.03
C ILE A 256 2.95 -9.16 -9.22
N ILE A 257 3.07 -8.36 -8.17
CA ILE A 257 2.66 -6.98 -8.21
C ILE A 257 3.87 -6.08 -7.95
N GLY A 258 4.16 -5.16 -8.88
CA GLY A 258 5.18 -4.14 -8.73
C GLY A 258 4.69 -3.07 -7.78
N ILE A 259 5.55 -2.64 -6.84
CA ILE A 259 5.22 -1.61 -5.84
C ILE A 259 6.23 -0.48 -5.85
N ASN A 260 5.75 0.77 -5.74
CA ASN A 260 6.60 1.89 -5.47
C ASN A 260 6.13 2.59 -4.21
N MET A 261 7.10 2.99 -3.39
CA MET A 261 6.87 3.70 -2.10
C MET A 261 7.87 4.83 -2.18
N PRO A 262 7.57 5.84 -3.02
CA PRO A 262 8.59 6.85 -3.22
C PRO A 262 8.95 7.66 -1.98
N SER B 51 -17.01 31.20 -9.58
CA SER B 51 -17.13 29.84 -8.97
C SER B 51 -17.32 29.95 -7.45
N PHE B 52 -18.48 29.51 -6.96
CA PHE B 52 -18.81 29.62 -5.55
C PHE B 52 -18.37 28.30 -4.91
N PRO B 53 -17.76 28.36 -3.72
CA PRO B 53 -17.41 27.14 -3.02
C PRO B 53 -18.65 26.51 -2.38
N LEU B 54 -18.66 25.18 -2.28
CA LEU B 54 -19.69 24.50 -1.51
C LEU B 54 -19.20 24.34 -0.10
N LEU B 55 -19.99 24.76 0.86
CA LEU B 55 -19.60 24.58 2.24
C LEU B 55 -20.68 23.69 2.81
N VAL B 56 -20.29 22.65 3.56
CA VAL B 56 -21.26 21.74 4.15
C VAL B 56 -20.95 21.58 5.59
N TYR B 57 -21.86 22.00 6.47
CA TYR B 57 -21.69 21.83 7.96
C TYR B 57 -22.62 20.74 8.51
N THR B 58 -22.28 20.16 9.67
CA THR B 58 -23.12 19.15 10.29
C THR B 58 -24.49 19.76 10.56
N SER B 59 -24.46 21.02 11.02
CA SER B 59 -25.66 21.80 11.31
C SER B 59 -26.65 21.91 10.14
N ASP B 60 -26.21 21.68 8.91
CA ASP B 60 -27.13 21.74 7.77
C ASP B 60 -28.11 20.55 7.65
N SER B 61 -27.88 19.46 8.39
CA SER B 61 -28.70 18.23 8.31
C SER B 61 -28.88 17.82 6.88
N LYS B 62 -27.75 17.68 6.22
CA LYS B 62 -27.73 17.42 4.79
C LYS B 62 -26.53 16.50 4.52
N THR B 63 -26.72 15.50 3.67
CA THR B 63 -25.63 14.60 3.36
C THR B 63 -24.70 15.29 2.39
N PHE B 64 -23.45 14.82 2.37
CA PHE B 64 -22.47 15.26 1.38
C PHE B 64 -23.04 15.15 -0.01
N GLN B 65 -23.77 14.07 -0.31
CA GLN B 65 -24.23 13.84 -1.68
C GLN B 65 -25.33 14.84 -2.02
N GLN B 66 -26.25 15.06 -1.09
CA GLN B 66 -27.36 15.97 -1.33
C GLN B 66 -26.83 17.42 -1.42
N ALA B 67 -25.86 17.78 -0.58
CA ALA B 67 -25.20 19.09 -0.69
C ALA B 67 -24.66 19.34 -2.10
N ILE B 68 -23.98 18.34 -2.63
CA ILE B 68 -23.49 18.41 -3.98
C ILE B 68 -24.63 18.59 -4.97
N ILE B 69 -25.66 17.76 -4.84
CA ILE B 69 -26.81 17.87 -5.76
C ILE B 69 -27.40 19.28 -5.68
N ASP B 70 -27.66 19.73 -4.45
CA ASP B 70 -28.29 21.02 -4.18
C ASP B 70 -27.45 22.14 -4.75
N HIS B 71 -26.15 22.06 -4.51
CA HIS B 71 -25.25 23.08 -5.00
C HIS B 71 -25.30 23.21 -6.49
N ILE B 72 -25.25 22.10 -7.21
CA ILE B 72 -25.25 22.13 -8.69
C ILE B 72 -26.64 22.60 -9.23
N ASP B 73 -27.70 22.30 -8.48
CA ASP B 73 -29.06 22.75 -8.83
C ASP B 73 -29.18 24.25 -8.59
N ARG B 74 -28.69 24.72 -7.43
CA ARG B 74 -28.73 26.14 -7.03
C ARG B 74 -27.89 27.04 -7.93
N THR B 75 -26.67 26.59 -8.25
CA THR B 75 -25.67 27.43 -8.92
C THR B 75 -25.45 27.13 -10.39
N GLY B 76 -25.80 25.97 -10.89
CA GLY B 76 -25.42 25.59 -12.25
C GLY B 76 -23.96 25.18 -12.48
N GLN B 77 -23.13 25.28 -11.44
CA GLN B 77 -21.67 25.01 -11.56
C GLN B 77 -21.42 23.51 -11.36
N THR B 78 -20.66 22.92 -12.28
CA THR B 78 -20.35 21.48 -12.32
C THR B 78 -18.91 21.11 -11.89
N THR B 79 -18.07 22.13 -11.68
CA THR B 79 -16.71 21.96 -11.18
C THR B 79 -16.54 23.02 -10.14
N PHE B 80 -16.31 22.60 -8.91
CA PHE B 80 -16.16 23.50 -7.83
C PHE B 80 -15.38 22.87 -6.68
N THR B 81 -14.96 23.70 -5.74
CA THR B 81 -14.31 23.22 -4.56
C THR B 81 -15.29 23.13 -3.41
N PHE B 82 -14.90 22.36 -2.40
CA PHE B 82 -15.77 22.16 -1.27
C PHE B 82 -15.04 22.02 0.01
N TYR B 83 -15.81 22.25 1.05
CA TYR B 83 -15.38 22.08 2.40
C TYR B 83 -16.48 21.28 3.01
N VAL B 84 -16.13 20.22 3.74
CA VAL B 84 -17.14 19.37 4.38
C VAL B 84 -16.72 19.20 5.81
N GLN B 85 -17.53 19.72 6.73
CA GLN B 85 -17.19 19.61 8.15
C GLN B 85 -17.14 18.15 8.61
N GLY B 86 -16.24 17.85 9.54
CA GLY B 86 -16.13 16.53 10.12
C GLY B 86 -17.42 16.18 10.86
N GLY B 87 -17.98 15.01 10.54
CA GLY B 87 -19.24 14.55 11.11
C GLY B 87 -20.41 14.61 10.14
N VAL B 88 -20.25 15.25 9.00
CA VAL B 88 -21.31 15.28 8.01
C VAL B 88 -21.60 13.87 7.48
N SER B 89 -22.88 13.52 7.38
CA SER B 89 -23.30 12.21 6.86
C SER B 89 -22.95 11.99 5.37
N GLY B 90 -22.30 10.86 5.10
CA GLY B 90 -21.88 10.49 3.74
C GLY B 90 -20.67 11.25 3.20
N SER B 91 -19.95 11.94 4.07
CA SER B 91 -18.71 12.62 3.74
C SER B 91 -17.63 11.61 3.39
N PRO B 92 -16.70 11.98 2.48
CA PRO B 92 -15.61 11.06 2.08
C PRO B 92 -14.71 10.58 3.21
N MET B 93 -14.67 11.29 4.34
CA MET B 93 -13.89 10.88 5.48
C MET B 93 -14.55 11.42 6.75
N SER B 94 -14.03 10.98 7.91
CA SER B 94 -14.62 11.29 9.23
C SER B 94 -14.22 12.65 9.78
N ASN B 95 -12.96 13.02 9.58
CA ASN B 95 -12.46 14.38 9.82
C ASN B 95 -12.97 15.39 8.79
N SER B 96 -12.68 16.66 9.03
CA SER B 96 -13.00 17.70 8.06
C SER B 96 -12.13 17.56 6.81
N CYS B 97 -12.69 17.87 5.67
CA CYS B 97 -11.95 17.82 4.39
C CYS B 97 -12.31 18.95 3.48
N ARG B 98 -11.47 19.11 2.46
CA ARG B 98 -11.64 20.08 1.41
C ARG B 98 -11.23 19.40 0.12
N GLY B 99 -11.84 19.77 -0.99
CA GLY B 99 -11.45 19.23 -2.25
C GLY B 99 -12.21 19.75 -3.45
N LEU B 100 -12.16 19.02 -4.53
CA LEU B 100 -12.66 19.49 -5.80
C LEU B 100 -13.67 18.46 -6.24
N PHE B 101 -14.86 18.91 -6.65
CA PHE B 101 -15.82 18.07 -7.41
C PHE B 101 -15.81 18.46 -8.87
N MET B 102 -15.82 17.46 -9.75
CA MET B 102 -15.80 17.68 -11.18
C MET B 102 -16.87 16.80 -11.81
N SER B 103 -17.94 17.38 -12.41
CA SER B 103 -18.89 16.61 -13.27
C SER B 103 -18.93 17.01 -14.75
N ASP B 104 -19.42 16.07 -15.54
CA ASP B 104 -19.66 16.26 -16.97
C ASP B 104 -20.76 17.30 -17.28
N THR B 105 -21.85 17.31 -16.50
CA THR B 105 -23.00 18.23 -16.75
C THR B 105 -23.72 18.64 -15.46
N PRO B 106 -24.58 19.70 -15.55
CA PRO B 106 -25.37 20.06 -14.37
C PRO B 106 -26.65 19.23 -14.21
N ASN B 107 -26.82 18.16 -15.00
CA ASN B 107 -27.93 17.19 -14.86
C ASN B 107 -27.81 16.31 -13.59
N THR B 108 -28.40 16.74 -12.48
CA THR B 108 -28.28 16.02 -11.21
C THR B 108 -29.10 14.73 -11.11
N SER B 109 -30.02 14.52 -12.03
CA SER B 109 -30.76 13.25 -12.10
C SER B 109 -29.94 12.16 -12.81
N SER B 110 -28.93 12.52 -13.61
CA SER B 110 -27.96 11.55 -14.14
C SER B 110 -26.53 12.10 -14.05
N LEU B 111 -26.10 12.25 -12.80
CA LEU B 111 -24.82 12.90 -12.49
C LEU B 111 -23.62 11.96 -12.77
N HIS B 112 -22.62 12.47 -13.49
CA HIS B 112 -21.42 11.71 -13.85
C HIS B 112 -20.22 12.55 -13.45
N GLY B 113 -19.46 12.10 -12.45
CA GLY B 113 -18.45 12.94 -11.85
C GLY B 113 -17.46 12.25 -10.93
N VAL B 114 -16.44 13.02 -10.55
CA VAL B 114 -15.36 12.55 -9.68
C VAL B 114 -15.13 13.62 -8.67
N TYR B 115 -14.59 13.21 -7.52
CA TYR B 115 -14.05 14.14 -6.56
C TYR B 115 -12.73 13.66 -5.93
N ASN B 116 -11.96 14.64 -5.50
CA ASN B 116 -10.80 14.45 -4.65
C ASN B 116 -11.06 15.16 -3.33
N ALA B 117 -10.88 14.47 -2.21
CA ALA B 117 -11.01 15.12 -0.89
C ALA B 117 -9.79 14.86 -0.04
N ILE B 118 -9.30 15.91 0.63
CA ILE B 118 -8.10 15.84 1.41
C ILE B 118 -8.40 16.31 2.80
N GLY B 119 -7.98 15.51 3.78
CA GLY B 119 -8.23 15.82 5.18
C GLY B 119 -7.36 16.88 5.80
N THR B 120 -7.69 17.22 7.04
CA THR B 120 -6.89 18.15 7.85
C THR B 120 -5.50 17.62 8.13
N ASP B 121 -5.37 16.29 8.15
CA ASP B 121 -4.05 15.64 8.20
C ASP B 121 -3.49 15.21 6.81
N GLY B 122 -4.06 15.68 5.70
CA GLY B 122 -3.55 15.37 4.36
C GLY B 122 -3.92 14.02 3.80
N ARG B 123 -4.77 13.26 4.51
CA ARG B 123 -5.27 11.98 3.97
C ARG B 123 -5.99 12.26 2.70
N ASN B 124 -5.83 11.36 1.74
CA ASN B 124 -6.31 11.58 0.40
C ASN B 124 -7.37 10.55 0.04
N VAL B 125 -8.49 11.05 -0.46
CA VAL B 125 -9.65 10.23 -0.82
C VAL B 125 -10.13 10.65 -2.20
N THR B 126 -10.50 9.69 -3.02
CA THR B 126 -11.11 9.95 -4.30
C THR B 126 -12.40 9.14 -4.40
N GLY B 127 -13.34 9.65 -5.20
CA GLY B 127 -14.63 9.00 -5.32
C GLY B 127 -15.31 9.43 -6.60
N SER B 128 -16.44 8.77 -6.87
CA SER B 128 -17.15 8.99 -8.10
C SER B 128 -18.63 8.86 -7.92
N VAL B 129 -19.35 9.41 -8.89
CA VAL B 129 -20.82 9.28 -8.96
C VAL B 129 -21.16 8.89 -10.40
N VAL B 130 -22.04 7.90 -10.51
CA VAL B 130 -22.52 7.34 -11.77
C VAL B 130 -24.04 7.26 -11.59
N GLY B 131 -24.80 8.09 -12.31
CA GLY B 131 -26.25 8.24 -12.05
C GLY B 131 -26.56 8.71 -10.64
N SER B 132 -27.39 7.95 -9.93
CA SER B 132 -27.61 8.21 -8.49
C SER B 132 -26.75 7.30 -7.60
N ASN B 133 -25.76 6.64 -8.21
CA ASN B 133 -24.90 5.70 -7.52
C ASN B 133 -23.51 6.32 -7.24
N TRP B 134 -23.31 6.63 -5.98
CA TRP B 134 -22.06 7.13 -5.45
C TRP B 134 -21.21 5.93 -5.06
N THR B 135 -20.01 5.79 -5.61
CA THR B 135 -19.09 4.70 -5.15
C THR B 135 -18.63 4.94 -3.70
N SER B 136 -18.15 3.90 -3.00
CA SER B 136 -17.54 4.12 -1.71
C SER B 136 -16.29 4.93 -1.92
N PRO B 137 -15.96 5.81 -0.96
CA PRO B 137 -14.72 6.56 -1.06
C PRO B 137 -13.50 5.67 -1.04
N LYS B 138 -12.57 5.98 -1.92
CA LYS B 138 -11.30 5.26 -1.97
C LYS B 138 -10.26 6.05 -1.18
N THR B 139 -9.94 5.53 -0.01
CA THR B 139 -8.94 6.13 0.85
C THR B 139 -7.54 5.58 0.61
N SER B 140 -6.62 6.49 0.27
CA SER B 140 -5.23 6.21 0.06
C SER B 140 -4.45 6.04 1.35
N PRO B 141 -3.46 5.13 1.35
CA PRO B 141 -2.46 5.11 2.40
C PRO B 141 -1.36 6.10 2.11
N SER B 142 -0.49 6.28 3.09
CA SER B 142 0.76 6.97 2.94
C SER B 142 1.89 6.32 3.69
N HIS B 143 3.11 6.73 3.37
CA HIS B 143 4.28 6.16 4.02
C HIS B 143 5.40 7.17 4.12
N LYS B 144 6.39 6.84 4.93
CA LYS B 144 7.66 7.58 4.98
C LYS B 144 8.77 6.61 5.32
N GLU B 145 9.85 6.66 4.55
CA GLU B 145 11.04 5.96 4.92
C GLU B 145 11.66 6.58 6.19
N LEU B 146 11.77 5.79 7.25
CA LEU B 146 12.28 6.30 8.54
C LEU B 146 13.72 5.98 8.78
N TRP B 147 14.22 4.86 8.24
CA TRP B 147 15.61 4.48 8.38
C TRP B 147 15.98 3.48 7.30
N THR B 148 17.22 3.55 6.82
CA THR B 148 17.80 2.49 6.00
C THR B 148 19.24 2.28 6.43
N GLY B 149 19.76 1.10 6.27
CA GLY B 149 21.14 0.80 6.64
C GLY B 149 21.37 -0.65 6.67
N ALA B 150 22.20 -1.12 7.57
CA ALA B 150 22.51 -2.52 7.60
C ALA B 150 23.00 -2.87 8.99
N GLN B 151 22.04 -3.12 9.88
CA GLN B 151 22.37 -3.52 11.23
C GLN B 151 22.37 -5.00 11.38
N SER B 152 23.51 -5.59 11.74
CA SER B 152 23.56 -7.02 12.03
C SER B 152 22.60 -7.43 13.14
N PHE B 153 22.00 -8.62 12.95
CA PHE B 153 21.16 -9.20 14.00
C PHE B 153 21.93 -9.36 15.32
N LEU B 154 23.25 -9.54 15.24
CA LEU B 154 24.07 -9.74 16.46
C LEU B 154 24.25 -8.42 17.24
N SER B 155 23.99 -7.30 16.59
CA SER B 155 24.03 -5.97 17.27
C SER B 155 22.88 -5.62 18.20
N THR B 156 22.63 -6.48 19.18
CA THR B 156 21.51 -6.33 20.03
C THR B 156 21.82 -5.19 21.00
N GLY B 157 20.79 -4.47 21.42
CA GLY B 157 20.95 -3.30 22.28
C GLY B 157 21.30 -2.00 21.60
N THR B 158 21.48 -1.99 20.30
CA THR B 158 21.93 -0.78 19.62
C THR B 158 20.73 0.01 19.11
N THR B 159 20.82 1.32 19.27
CA THR B 159 19.79 2.26 18.92
C THR B 159 20.22 3.11 17.75
N LYS B 160 19.30 3.34 16.83
CA LYS B 160 19.55 4.21 15.69
C LYS B 160 18.46 5.18 15.53
N ASN B 161 18.71 6.19 14.71
CA ASN B 161 17.73 7.27 14.55
C ASN B 161 16.73 7.01 13.43
N LEU B 162 15.47 7.35 13.69
CA LEU B 162 14.43 7.53 12.68
C LEU B 162 14.38 8.98 12.16
N SER B 163 13.98 9.14 10.91
CA SER B 163 13.77 10.46 10.30
C SER B 163 12.47 11.15 10.72
N ASP B 164 11.59 10.50 11.50
CA ASP B 164 10.36 11.10 11.95
C ASP B 164 10.03 10.31 13.23
N ASP B 165 9.21 10.92 14.06
CA ASP B 165 8.72 10.30 15.28
C ASP B 165 7.73 9.18 14.94
N ILE B 166 7.92 8.04 15.60
CA ILE B 166 7.10 6.83 15.34
C ILE B 166 5.64 7.08 15.68
N SER B 167 5.36 8.03 16.61
CA SER B 167 3.99 8.34 16.94
C SER B 167 3.18 8.92 15.80
N ASN B 168 3.83 9.37 14.73
CA ASN B 168 3.16 9.84 13.55
C ASN B 168 2.62 8.76 12.59
N TYR B 169 2.88 7.50 12.96
CA TYR B 169 2.48 6.31 12.12
C TYR B 169 1.64 5.32 12.90
N SER B 170 0.72 4.61 12.22
CA SER B 170 -0.06 3.54 12.85
C SER B 170 0.45 2.16 12.55
N TYR B 171 1.16 2.02 11.43
CA TYR B 171 1.74 0.76 10.98
C TYR B 171 3.21 0.99 10.61
N VAL B 172 3.95 -0.11 10.49
CA VAL B 172 5.39 -0.01 10.18
C VAL B 172 5.80 -1.24 9.40
N GLU B 173 6.62 -1.06 8.40
CA GLU B 173 7.28 -2.18 7.72
C GLU B 173 8.75 -2.25 8.13
N VAL B 174 9.18 -3.42 8.61
CA VAL B 174 10.53 -3.69 8.98
C VAL B 174 11.08 -4.67 8.00
N TYR B 175 12.18 -4.30 7.36
CA TYR B 175 12.80 -5.16 6.31
C TYR B 175 14.08 -5.79 6.77
N THR B 176 14.18 -7.07 6.52
CA THR B 176 15.35 -7.89 6.89
C THR B 176 15.98 -8.55 5.65
N THR B 177 17.30 -8.74 5.69
CA THR B 177 18.04 -9.23 4.54
C THR B 177 18.97 -10.34 4.99
N HIS B 178 18.88 -11.51 4.35
CA HIS B 178 19.43 -12.72 4.90
C HIS B 178 20.37 -13.44 3.96
N LYS B 179 21.15 -14.31 4.56
CA LYS B 179 21.97 -15.33 3.92
C LYS B 179 21.61 -16.64 4.60
N THR B 180 21.07 -17.55 3.82
CA THR B 180 20.66 -18.81 4.33
C THR B 180 21.89 -19.72 4.59
N THR B 181 21.61 -20.78 5.34
CA THR B 181 22.65 -21.69 5.81
C THR B 181 23.39 -22.31 4.66
N GLU B 182 22.66 -22.79 3.67
CA GLU B 182 23.26 -23.34 2.47
C GLU B 182 22.89 -22.49 1.28
N LYS B 183 23.72 -22.57 0.25
CA LYS B 183 23.38 -22.03 -1.05
C LYS B 183 22.30 -22.85 -1.75
N THR B 184 21.48 -22.16 -2.52
CA THR B 184 20.43 -22.77 -3.33
C THR B 184 20.65 -22.30 -4.74
N LYS B 185 20.85 -23.27 -5.66
CA LYS B 185 21.11 -22.99 -7.07
C LYS B 185 22.10 -21.84 -7.27
N GLY B 186 23.15 -21.87 -6.46
CA GLY B 186 24.31 -21.04 -6.68
C GLY B 186 24.42 -19.82 -5.80
N ASN B 187 23.54 -19.70 -4.78
CA ASN B 187 23.36 -18.43 -4.07
C ASN B 187 22.60 -18.60 -2.76
N ASP B 188 23.08 -17.96 -1.69
CA ASP B 188 22.41 -17.99 -0.38
C ASP B 188 21.63 -16.70 0.01
N ASN B 189 21.45 -15.76 -0.93
CA ASN B 189 20.76 -14.50 -0.61
C ASN B 189 19.27 -14.70 -0.69
N THR B 190 18.53 -13.89 0.05
CA THR B 190 17.06 -14.06 0.10
C THR B 190 16.28 -12.96 -0.52
N GLY B 191 16.95 -11.88 -0.85
CA GLY B 191 16.30 -10.61 -1.05
C GLY B 191 15.91 -10.00 0.31
N THR B 192 15.28 -8.84 0.25
CA THR B 192 15.00 -8.00 1.41
C THR B 192 13.47 -8.12 1.72
N ILE B 193 13.16 -8.72 2.85
CA ILE B 193 11.83 -9.27 3.18
C ILE B 193 11.08 -8.32 4.11
N CYS B 194 9.85 -8.01 3.77
CA CYS B 194 9.01 -7.13 4.60
C CYS B 194 8.34 -7.86 5.75
N HIS B 195 8.34 -7.22 6.92
CA HIS B 195 7.49 -7.62 8.04
C HIS B 195 6.65 -6.41 8.43
N LYS B 196 5.37 -6.49 8.24
CA LYS B 196 4.49 -5.35 8.50
C LYS B 196 3.74 -5.55 9.81
N PHE B 197 3.75 -4.50 10.61
CA PHE B 197 3.11 -4.49 11.91
C PHE B 197 2.16 -3.33 12.07
N TYR B 198 1.12 -3.56 12.88
CA TYR B 198 0.31 -2.50 13.46
C TYR B 198 0.99 -2.12 14.80
N LEU B 199 1.24 -0.82 15.01
CA LEU B 199 1.92 -0.35 16.19
C LEU B 199 0.95 -0.35 17.39
N ASP B 200 1.10 -1.30 18.25
CA ASP B 200 0.12 -1.60 19.29
C ASP B 200 0.71 -1.34 20.66
N GLY B 201 1.89 -0.73 20.73
CA GLY B 201 2.53 -0.42 22.04
C GLY B 201 3.41 -1.53 22.57
N SER B 202 3.58 -2.64 21.82
CA SER B 202 4.48 -3.69 22.26
C SER B 202 5.89 -3.20 22.56
N GLY B 203 6.53 -3.83 23.54
CA GLY B 203 7.95 -3.54 23.77
C GLY B 203 8.88 -4.10 22.70
N THR B 204 8.38 -5.10 21.94
CA THR B 204 9.15 -5.79 20.92
C THR B 204 8.21 -6.19 19.76
N TYR B 205 8.60 -5.78 18.54
CA TYR B 205 7.96 -6.20 17.30
C TYR B 205 8.85 -7.30 16.75
N VAL B 206 8.30 -8.52 16.65
CA VAL B 206 9.07 -9.70 16.39
C VAL B 206 8.94 -10.11 14.89
N CYS B 207 10.09 -10.14 14.22
CA CYS B 207 10.26 -10.56 12.82
C CYS B 207 10.87 -11.95 12.91
N SER B 208 10.04 -12.99 12.74
CA SER B 208 10.50 -14.39 12.94
C SER B 208 9.92 -15.24 11.84
N GLY B 209 10.76 -16.07 11.25
CA GLY B 209 10.39 -16.94 10.14
C GLY B 209 11.38 -18.05 9.99
N THR B 210 11.29 -18.71 8.84
CA THR B 210 12.07 -19.86 8.52
C THR B 210 12.56 -19.72 7.12
N PHE B 211 13.68 -20.40 6.81
CA PHE B 211 14.06 -20.65 5.44
C PHE B 211 14.38 -22.12 5.18
N VAL B 212 13.97 -22.58 3.99
CA VAL B 212 14.49 -23.84 3.42
C VAL B 212 15.67 -23.41 2.56
N SER B 213 16.76 -24.19 2.54
CA SER B 213 17.91 -23.88 1.69
C SER B 213 18.69 -25.18 1.35
N GLY B 214 19.54 -25.08 0.33
CA GLY B 214 20.29 -26.24 -0.20
C GLY B 214 19.61 -26.91 -1.37
N ASP B 215 20.42 -27.59 -2.18
CA ASP B 215 19.96 -28.31 -3.35
C ASP B 215 19.74 -29.76 -2.95
N ARG B 216 18.63 -30.32 -3.31
CA ARG B 216 18.36 -31.73 -3.01
C ARG B 216 19.34 -32.54 -3.87
N THR B 217 19.95 -33.58 -3.30
CA THR B 217 20.63 -34.61 -4.13
C THR B 217 19.69 -35.77 -4.27
N ASP B 218 20.19 -36.88 -4.84
CA ASP B 218 19.40 -38.10 -4.91
C ASP B 218 19.08 -38.63 -3.52
N THR B 219 19.97 -38.38 -2.55
CA THR B 219 19.77 -38.89 -1.18
C THR B 219 19.57 -37.86 -0.08
N LYS B 220 20.02 -36.63 -0.28
CA LYS B 220 20.04 -35.57 0.76
C LYS B 220 18.95 -34.49 0.49
N PRO B 221 18.01 -34.29 1.44
CA PRO B 221 17.02 -33.26 1.19
C PRO B 221 17.56 -31.86 1.49
N PRO B 222 16.81 -30.79 1.14
CA PRO B 222 17.15 -29.45 1.62
C PRO B 222 17.10 -29.38 3.13
N ILE B 223 17.75 -28.39 3.71
CA ILE B 223 17.69 -28.19 5.15
C ILE B 223 16.76 -27.00 5.53
N THR B 224 16.43 -26.88 6.82
CA THR B 224 15.59 -25.78 7.32
C THR B 224 16.30 -25.01 8.42
N GLU B 225 15.97 -23.73 8.56
CA GLU B 225 16.48 -22.90 9.63
C GLU B 225 15.39 -21.96 10.10
N PHE B 226 15.51 -21.51 11.34
CA PHE B 226 14.65 -20.50 11.89
C PHE B 226 15.46 -19.23 12.10
N TYR B 227 14.82 -18.06 12.06
CA TYR B 227 15.44 -16.78 12.42
C TYR B 227 14.51 -15.92 13.20
N ARG B 228 15.08 -15.00 13.95
CA ARG B 228 14.33 -13.98 14.62
C ARG B 228 15.14 -12.72 14.77
N VAL B 229 14.51 -11.58 14.55
CA VAL B 229 14.95 -10.31 15.09
C VAL B 229 13.77 -9.56 15.70
N GLY B 230 14.00 -8.99 16.88
CA GLY B 230 13.02 -8.19 17.57
C GLY B 230 13.50 -6.76 17.63
N VAL B 231 12.62 -5.82 17.32
CA VAL B 231 12.90 -4.40 17.29
C VAL B 231 11.92 -3.66 18.18
N SER B 232 12.31 -2.46 18.66
CA SER B 232 11.46 -1.54 19.38
C SER B 232 11.63 -0.13 18.88
N PHE B 233 10.62 0.70 19.16
CA PHE B 233 10.54 2.06 18.73
C PHE B 233 10.26 3.00 19.91
N LYS B 234 10.92 4.15 19.91
CA LYS B 234 10.71 5.20 20.93
C LYS B 234 11.01 6.56 20.31
N GLY B 235 10.01 7.41 20.21
CA GLY B 235 10.19 8.72 19.65
C GLY B 235 10.74 8.65 18.23
N SER B 236 11.87 9.31 17.98
CA SER B 236 12.57 9.25 16.67
C SER B 236 13.75 8.31 16.73
N THR B 237 13.56 7.16 17.41
CA THR B 237 14.59 6.16 17.48
C THR B 237 13.99 4.73 17.41
N TRP B 238 14.87 3.81 17.02
CA TRP B 238 14.59 2.39 17.10
C TRP B 238 15.76 1.64 17.64
N THR B 239 15.45 0.51 18.25
CA THR B 239 16.44 -0.36 18.81
C THR B 239 16.34 -1.79 18.31
N LEU B 240 17.48 -2.41 18.09
CA LEU B 240 17.49 -3.87 17.75
C LEU B 240 17.63 -4.57 19.09
N VAL B 241 16.53 -5.19 19.55
CA VAL B 241 16.40 -5.66 20.95
C VAL B 241 16.97 -7.08 21.14
N ASP B 242 16.73 -7.97 20.20
CA ASP B 242 17.08 -9.39 20.37
C ASP B 242 17.11 -10.05 19.04
N SER B 243 17.69 -11.25 18.98
CA SER B 243 17.76 -12.00 17.76
C SER B 243 18.12 -13.45 17.98
N ALA B 244 17.93 -14.23 16.95
CA ALA B 244 18.35 -15.62 16.90
C ALA B 244 18.75 -15.92 15.48
N VAL B 245 20.00 -16.35 15.29
CA VAL B 245 20.53 -16.75 13.98
C VAL B 245 21.11 -18.17 14.12
N GLN B 246 20.80 -19.06 13.20
CA GLN B 246 21.28 -20.46 13.28
C GLN B 246 22.37 -20.78 12.26
N ASN B 247 23.16 -19.82 11.81
CA ASN B 247 24.41 -20.09 11.11
C ASN B 247 25.38 -18.98 11.48
N SER B 248 26.56 -19.00 10.88
CA SER B 248 27.61 -18.02 11.14
C SER B 248 27.61 -16.90 10.11
N LYS B 249 26.58 -16.84 9.25
CA LYS B 249 26.50 -15.75 8.29
C LYS B 249 25.77 -14.56 8.90
N THR B 250 26.03 -13.39 8.32
CA THR B 250 25.49 -12.17 8.90
C THR B 250 24.12 -11.84 8.27
N GLN B 251 23.14 -11.58 9.13
CA GLN B 251 21.78 -11.18 8.77
C GLN B 251 21.60 -9.73 9.22
N TYR B 252 20.83 -8.95 8.48
CA TYR B 252 20.66 -7.53 8.69
C TYR B 252 19.19 -7.05 8.73
N VAL B 253 18.94 -6.05 9.57
CA VAL B 253 17.85 -5.18 9.43
C VAL B 253 18.32 -4.08 8.50
N THR B 254 17.57 -3.77 7.44
CA THR B 254 18.01 -2.84 6.42
C THR B 254 17.09 -1.68 6.14
N ARG B 255 15.79 -1.79 6.43
CA ARG B 255 14.88 -0.70 6.16
C ARG B 255 13.74 -0.69 7.17
N ILE B 256 13.34 0.50 7.55
CA ILE B 256 12.12 0.74 8.32
C ILE B 256 11.28 1.78 7.64
N ILE B 257 10.02 1.45 7.34
CA ILE B 257 9.12 2.37 6.61
C ILE B 257 7.88 2.57 7.47
N GLY B 258 7.57 3.82 7.82
CA GLY B 258 6.35 4.12 8.55
C GLY B 258 5.18 4.16 7.61
N ILE B 259 4.03 3.67 8.04
CA ILE B 259 2.83 3.53 7.19
C ILE B 259 1.64 4.12 7.90
N ASN B 260 0.81 4.88 7.17
CA ASN B 260 -0.54 5.23 7.59
C ASN B 260 -1.58 4.71 6.63
N MET B 261 -2.61 4.12 7.20
CA MET B 261 -3.81 3.66 6.48
C MET B 261 -5.01 4.32 7.18
N PRO B 262 -5.23 5.61 6.88
CA PRO B 262 -6.31 6.34 7.60
C PRO B 262 -7.71 5.79 7.35
N PRO C 53 -12.99 19.50 -21.79
CA PRO C 53 -12.32 20.02 -22.99
C PRO C 53 -11.48 19.02 -23.80
N LEU C 54 -10.75 18.09 -23.16
CA LEU C 54 -10.19 16.97 -23.93
C LEU C 54 -11.12 15.80 -23.71
N LEU C 55 -11.71 15.26 -24.78
CA LEU C 55 -12.53 14.04 -24.74
C LEU C 55 -11.86 13.02 -25.64
N VAL C 56 -11.57 11.81 -25.13
CA VAL C 56 -10.96 10.77 -25.95
C VAL C 56 -11.84 9.55 -25.85
N TYR C 57 -12.28 9.10 -27.03
CA TYR C 57 -13.15 7.92 -27.20
C TYR C 57 -12.37 6.82 -27.85
N THR C 58 -12.81 5.60 -27.61
CA THR C 58 -12.17 4.43 -28.23
C THR C 58 -12.32 4.52 -29.74
N SER C 59 -13.44 5.07 -30.20
CA SER C 59 -13.71 5.30 -31.65
C SER C 59 -12.74 6.24 -32.39
N ASP C 60 -12.09 7.17 -31.67
CA ASP C 60 -11.06 8.04 -32.28
C ASP C 60 -9.79 7.31 -32.77
N SER C 61 -9.61 6.05 -32.35
CA SER C 61 -8.45 5.22 -32.73
C SER C 61 -7.10 5.92 -32.52
N LYS C 62 -7.01 6.74 -31.46
CA LYS C 62 -5.74 7.36 -31.07
C LYS C 62 -5.42 7.10 -29.60
N THR C 63 -4.12 7.07 -29.31
CA THR C 63 -3.65 6.79 -27.97
C THR C 63 -3.95 8.01 -27.12
N PHE C 64 -4.08 7.80 -25.82
CA PHE C 64 -4.12 8.89 -24.83
C PHE C 64 -3.03 9.92 -25.06
N GLN C 65 -1.79 9.46 -25.27
CA GLN C 65 -0.61 10.29 -25.40
C GLN C 65 -0.72 11.17 -26.65
N GLN C 66 -1.10 10.58 -27.80
CA GLN C 66 -1.33 11.34 -29.05
C GLN C 66 -2.51 12.31 -28.89
N ALA C 67 -3.54 11.93 -28.15
CA ALA C 67 -4.67 12.85 -27.93
C ALA C 67 -4.32 14.12 -27.13
N ILE C 68 -3.43 13.95 -26.14
CA ILE C 68 -2.92 15.06 -25.34
C ILE C 68 -2.09 15.95 -26.23
N ILE C 69 -1.20 15.34 -27.00
CA ILE C 69 -0.33 16.04 -27.94
C ILE C 69 -1.16 16.86 -28.95
N ASP C 70 -2.18 16.22 -29.52
CA ASP C 70 -3.09 16.89 -30.46
C ASP C 70 -3.84 18.03 -29.80
N HIS C 71 -4.28 17.83 -28.58
CA HIS C 71 -5.03 18.87 -27.90
C HIS C 71 -4.18 20.11 -27.61
N ILE C 72 -2.95 19.89 -27.19
CA ILE C 72 -2.04 20.96 -26.91
C ILE C 72 -1.68 21.69 -28.21
N ASP C 73 -1.38 20.92 -29.26
CA ASP C 73 -0.99 21.48 -30.55
C ASP C 73 -2.12 22.30 -31.15
N ARG C 74 -3.36 21.82 -30.99
CA ARG C 74 -4.51 22.47 -31.57
C ARG C 74 -4.92 23.72 -30.82
N THR C 75 -4.93 23.69 -29.48
CA THR C 75 -5.48 24.74 -28.66
C THR C 75 -4.42 25.61 -28.00
N GLY C 76 -3.20 25.14 -27.92
CA GLY C 76 -2.20 25.80 -27.09
C GLY C 76 -2.45 25.75 -25.60
N GLN C 77 -3.51 25.05 -25.15
CA GLN C 77 -3.76 24.91 -23.72
C GLN C 77 -2.71 23.92 -23.14
N THR C 78 -2.06 24.28 -22.04
CA THR C 78 -1.07 23.41 -21.37
C THR C 78 -1.62 22.76 -20.05
N THR C 79 -2.66 23.34 -19.46
CA THR C 79 -3.38 22.79 -18.33
C THR C 79 -4.85 22.72 -18.71
N PHE C 80 -5.43 21.53 -18.54
CA PHE C 80 -6.83 21.27 -18.94
C PHE C 80 -7.28 19.97 -18.34
N THR C 81 -8.59 19.83 -18.27
CA THR C 81 -9.19 18.61 -17.75
C THR C 81 -9.49 17.70 -18.88
N PHE C 82 -9.75 16.43 -18.58
CA PHE C 82 -9.94 15.45 -19.63
C PHE C 82 -10.84 14.33 -19.21
N TYR C 83 -11.43 13.67 -20.23
CA TYR C 83 -12.20 12.43 -20.10
C TYR C 83 -11.57 11.49 -21.08
N VAL C 84 -11.28 10.27 -20.61
CA VAL C 84 -10.75 9.21 -21.41
C VAL C 84 -11.59 7.96 -21.24
N GLN C 85 -12.15 7.46 -22.34
CA GLN C 85 -13.09 6.33 -22.29
C GLN C 85 -12.33 5.04 -22.03
N GLY C 86 -12.94 4.19 -21.21
CA GLY C 86 -12.38 2.83 -20.98
C GLY C 86 -12.09 2.15 -22.29
N GLY C 87 -10.82 1.80 -22.51
CA GLY C 87 -10.35 1.09 -23.70
C GLY C 87 -9.41 1.85 -24.59
N VAL C 88 -9.26 3.15 -24.35
CA VAL C 88 -8.32 3.95 -25.08
C VAL C 88 -6.91 3.43 -24.85
N SER C 89 -6.20 3.19 -25.94
CA SER C 89 -4.81 2.72 -25.85
C SER C 89 -3.94 3.79 -25.13
N GLY C 90 -3.18 3.33 -24.14
CA GLY C 90 -2.26 4.18 -23.40
C GLY C 90 -2.88 5.04 -22.33
N SER C 91 -4.18 4.89 -22.06
CA SER C 91 -4.85 5.61 -21.00
C SER C 91 -4.26 5.24 -19.62
N PRO C 92 -4.34 6.18 -18.65
CA PRO C 92 -3.84 5.89 -17.34
C PRO C 92 -4.52 4.70 -16.68
N MET C 93 -5.73 4.34 -17.11
CA MET C 93 -6.43 3.17 -16.52
C MET C 93 -7.35 2.49 -17.53
N SER C 94 -7.80 1.28 -17.19
CA SER C 94 -8.51 0.42 -18.12
C SER C 94 -9.99 0.81 -18.20
N ASN C 95 -10.55 1.28 -17.11
CA ASN C 95 -11.92 1.85 -17.06
C ASN C 95 -11.90 3.35 -17.45
N SER C 96 -13.07 3.93 -17.65
CA SER C 96 -13.15 5.35 -18.02
C SER C 96 -12.66 6.22 -16.88
N CYS C 97 -12.01 7.32 -17.23
CA CYS C 97 -11.53 8.25 -16.22
C CYS C 97 -11.71 9.68 -16.59
N ARG C 98 -11.57 10.52 -15.56
CA ARG C 98 -11.65 11.96 -15.69
C ARG C 98 -10.53 12.57 -14.84
N GLY C 99 -9.82 13.55 -15.34
CA GLY C 99 -8.81 14.20 -14.55
C GLY C 99 -8.25 15.47 -15.11
N LEU C 100 -7.08 15.85 -14.61
CA LEU C 100 -6.42 17.13 -14.88
C LEU C 100 -5.01 16.84 -15.43
N PHE C 101 -4.66 17.45 -16.56
CA PHE C 101 -3.33 17.41 -17.14
C PHE C 101 -2.69 18.76 -16.91
N MET C 102 -1.43 18.78 -16.49
CA MET C 102 -0.69 20.03 -16.34
C MET C 102 0.69 19.91 -16.98
N SER C 103 1.01 20.76 -17.95
CA SER C 103 2.32 20.74 -18.58
C SER C 103 3.04 22.06 -18.51
N ASP C 104 4.32 21.99 -18.76
CA ASP C 104 5.20 23.12 -18.54
C ASP C 104 5.10 24.15 -19.66
N THR C 105 5.07 23.67 -20.90
CA THR C 105 4.97 24.51 -22.09
C THR C 105 4.20 23.71 -23.14
N PRO C 106 3.94 24.36 -24.30
CA PRO C 106 3.30 23.61 -25.39
C PRO C 106 4.29 22.90 -26.31
N ASN C 107 5.56 22.74 -25.92
CA ASN C 107 6.48 21.98 -26.75
C ASN C 107 6.17 20.47 -26.70
N THR C 108 5.32 20.04 -27.61
CA THR C 108 4.85 18.67 -27.63
C THR C 108 5.87 17.63 -28.11
N SER C 109 6.97 18.07 -28.71
CA SER C 109 8.00 17.14 -29.12
C SER C 109 8.96 16.84 -27.97
N SER C 110 8.99 17.68 -26.93
CA SER C 110 9.65 17.36 -25.67
C SER C 110 8.75 17.76 -24.47
N LEU C 111 7.72 16.96 -24.25
CA LEU C 111 6.68 17.32 -23.32
C LEU C 111 7.10 17.05 -21.88
N HIS C 112 6.92 18.04 -21.00
CA HIS C 112 7.09 17.84 -19.57
C HIS C 112 5.78 18.21 -18.86
N GLY C 113 5.25 17.25 -18.12
CA GLY C 113 3.93 17.36 -17.59
C GLY C 113 3.54 16.28 -16.62
N VAL C 114 2.42 16.48 -15.96
CA VAL C 114 1.88 15.50 -15.02
C VAL C 114 0.41 15.43 -15.15
N TYR C 115 -0.17 14.36 -14.62
CA TYR C 115 -1.66 14.21 -14.62
C TYR C 115 -2.14 13.47 -13.38
N ASN C 116 -3.42 13.67 -13.08
CA ASN C 116 -4.10 13.01 -11.97
C ASN C 116 -5.46 12.65 -12.49
N ALA C 117 -5.79 11.37 -12.47
CA ALA C 117 -7.06 10.92 -12.96
C ALA C 117 -7.80 10.07 -12.00
N ILE C 118 -9.14 10.07 -12.15
CA ILE C 118 -10.00 9.31 -11.25
C ILE C 118 -10.99 8.49 -12.09
N GLY C 119 -11.07 7.21 -11.77
CA GLY C 119 -11.89 6.27 -12.53
C GLY C 119 -13.33 6.22 -12.08
N THR C 120 -14.13 5.49 -12.83
CA THR C 120 -15.56 5.36 -12.58
C THR C 120 -15.87 4.65 -11.30
N ASP C 121 -14.89 3.86 -10.83
CA ASP C 121 -14.96 3.23 -9.53
C ASP C 121 -14.19 4.01 -8.43
N GLY C 122 -13.78 5.24 -8.69
CA GLY C 122 -13.05 6.01 -7.67
C GLY C 122 -11.53 5.77 -7.64
N ARG C 123 -11.02 4.81 -8.45
CA ARG C 123 -9.58 4.55 -8.43
C ARG C 123 -8.83 5.80 -8.91
N ASN C 124 -7.63 5.97 -8.38
CA ASN C 124 -6.83 7.16 -8.59
C ASN C 124 -5.50 6.77 -9.22
N VAL C 125 -5.17 7.40 -10.36
CA VAL C 125 -3.91 7.21 -11.03
C VAL C 125 -3.23 8.57 -11.28
N THR C 126 -1.92 8.65 -11.00
CA THR C 126 -1.15 9.81 -11.26
C THR C 126 0.02 9.40 -12.15
N GLY C 127 0.55 10.33 -12.88
CA GLY C 127 1.63 10.03 -13.83
C GLY C 127 2.32 11.25 -14.39
N SER C 128 3.37 11.00 -15.16
CA SER C 128 4.19 12.05 -15.67
C SER C 128 4.74 11.75 -17.02
N VAL C 129 5.15 12.82 -17.66
CA VAL C 129 5.91 12.79 -18.93
C VAL C 129 7.08 13.75 -18.78
N VAL C 130 8.27 13.25 -19.12
CA VAL C 130 9.52 13.99 -18.95
C VAL C 130 10.25 13.93 -20.27
N GLY C 131 10.33 15.06 -20.96
CA GLY C 131 10.97 15.09 -22.32
C GLY C 131 10.32 14.08 -23.28
N SER C 132 9.00 13.92 -23.17
CA SER C 132 8.20 12.96 -23.96
C SER C 132 8.49 11.52 -23.62
N ASN C 133 9.18 11.27 -22.50
CA ASN C 133 9.23 9.91 -21.92
C ASN C 133 8.08 9.79 -20.96
N TRP C 134 7.03 9.06 -21.38
CA TRP C 134 5.86 8.88 -20.54
C TRP C 134 6.19 7.80 -19.49
N THR C 135 6.15 8.14 -18.21
CA THR C 135 6.55 7.18 -17.18
C THR C 135 5.37 6.29 -16.84
N SER C 136 5.66 5.11 -16.30
CA SER C 136 4.59 4.19 -15.97
C SER C 136 3.51 4.88 -15.10
N PRO C 137 2.23 4.66 -15.39
CA PRO C 137 1.19 5.23 -14.55
C PRO C 137 1.23 4.66 -13.15
N LYS C 138 1.05 5.53 -12.16
CA LYS C 138 1.17 5.16 -10.77
C LYS C 138 -0.23 5.05 -10.18
N THR C 139 -0.72 3.84 -10.08
CA THR C 139 -2.02 3.56 -9.58
C THR C 139 -1.96 3.47 -8.07
N SER C 140 -2.77 4.25 -7.40
CA SER C 140 -2.89 4.16 -5.93
C SER C 140 -3.70 2.93 -5.45
N PRO C 141 -3.34 2.37 -4.31
CA PRO C 141 -4.20 1.43 -3.68
C PRO C 141 -5.19 2.13 -2.78
N SER C 142 -6.16 1.40 -2.29
CA SER C 142 -7.07 1.93 -1.26
C SER C 142 -7.34 0.90 -0.21
N HIS C 143 -7.93 1.34 0.88
CA HIS C 143 -8.20 0.43 1.97
C HIS C 143 -9.45 0.84 2.72
N LYS C 144 -9.96 -0.09 3.50
CA LYS C 144 -10.98 0.21 4.52
C LYS C 144 -10.80 -0.70 5.67
N GLU C 145 -10.77 -0.15 6.89
CA GLU C 145 -10.77 -1.04 8.07
C GLU C 145 -12.14 -1.74 8.16
N LEU C 146 -12.14 -3.05 8.10
CA LEU C 146 -13.37 -3.86 8.14
C LEU C 146 -13.76 -4.35 9.51
N TRP C 147 -12.78 -4.63 10.37
CA TRP C 147 -13.02 -5.09 11.73
C TRP C 147 -11.83 -4.85 12.59
N THR C 148 -12.04 -4.47 13.86
CA THR C 148 -10.97 -4.49 14.83
C THR C 148 -11.57 -5.03 16.12
N GLY C 149 -10.72 -5.65 16.92
CA GLY C 149 -11.20 -6.33 18.13
C GLY C 149 -10.16 -7.28 18.64
N ALA C 150 -10.62 -8.29 19.35
CA ALA C 150 -9.73 -9.26 19.93
C ALA C 150 -10.50 -10.59 20.00
N GLN C 151 -10.25 -11.45 19.02
CA GLN C 151 -10.89 -12.77 18.97
C GLN C 151 -9.83 -13.80 19.25
N SER C 152 -10.03 -14.57 20.32
CA SER C 152 -9.12 -15.64 20.63
C SER C 152 -9.05 -16.69 19.55
N PHE C 153 -7.82 -17.18 19.28
CA PHE C 153 -7.60 -18.31 18.36
C PHE C 153 -8.44 -19.51 18.76
N LEU C 154 -8.73 -19.66 20.07
CA LEU C 154 -9.53 -20.81 20.50
C LEU C 154 -10.99 -20.71 20.20
N SER C 155 -11.48 -19.52 19.82
CA SER C 155 -12.89 -19.32 19.50
C SER C 155 -13.24 -19.72 18.06
N THR C 156 -12.94 -20.95 17.72
CA THR C 156 -13.21 -21.47 16.40
C THR C 156 -14.72 -21.65 16.19
N GLY C 157 -15.14 -21.48 14.94
CA GLY C 157 -16.56 -21.59 14.58
C GLY C 157 -17.38 -20.35 14.91
N THR C 158 -16.72 -19.26 15.31
CA THR C 158 -17.41 -18.03 15.72
C THR C 158 -17.32 -16.95 14.63
N THR C 159 -18.37 -16.16 14.49
CA THR C 159 -18.53 -15.21 13.39
C THR C 159 -18.71 -13.77 13.92
N LYS C 160 -18.10 -12.81 13.25
CA LYS C 160 -18.21 -11.41 13.64
C LYS C 160 -18.57 -10.61 12.42
N ASN C 161 -18.98 -9.36 12.61
CA ASN C 161 -19.35 -8.52 11.46
C ASN C 161 -18.16 -7.70 10.92
N LEU C 162 -18.20 -7.48 9.62
CA LEU C 162 -17.34 -6.57 8.92
C LEU C 162 -18.16 -5.30 8.70
N SER C 163 -17.49 -4.18 8.55
CA SER C 163 -18.13 -2.93 8.14
C SER C 163 -18.49 -2.77 6.69
N ASP C 164 -18.16 -3.71 5.81
CA ASP C 164 -18.50 -3.61 4.38
C ASP C 164 -18.43 -5.05 3.88
N ASP C 165 -18.97 -5.28 2.70
CA ASP C 165 -19.04 -6.62 2.12
C ASP C 165 -17.63 -6.96 1.61
N ILE C 166 -17.20 -8.19 1.88
CA ILE C 166 -15.86 -8.63 1.44
C ILE C 166 -15.72 -8.60 -0.06
N SER C 167 -16.83 -8.77 -0.82
CA SER C 167 -16.79 -8.69 -2.29
C SER C 167 -16.37 -7.36 -2.83
N ASN C 168 -16.32 -6.32 -2.00
CA ASN C 168 -15.86 -5.04 -2.43
C ASN C 168 -14.33 -4.86 -2.40
N TYR C 169 -13.60 -5.94 -2.08
CA TYR C 169 -12.12 -5.88 -1.94
C TYR C 169 -11.54 -7.04 -2.74
N SER C 170 -10.33 -6.85 -3.27
CA SER C 170 -9.58 -7.92 -3.95
C SER C 170 -8.51 -8.53 -3.06
N TYR C 171 -8.05 -7.75 -2.08
CA TYR C 171 -7.04 -8.21 -1.12
C TYR C 171 -7.50 -7.91 0.31
N VAL C 172 -6.86 -8.55 1.26
CA VAL C 172 -7.19 -8.33 2.67
C VAL C 172 -5.92 -8.48 3.50
N GLU C 173 -5.81 -7.68 4.56
CA GLU C 173 -4.75 -7.84 5.52
C GLU C 173 -5.41 -8.33 6.81
N VAL C 174 -4.90 -9.42 7.34
CA VAL C 174 -5.44 -9.98 8.59
C VAL C 174 -4.31 -9.89 9.61
N TYR C 175 -4.60 -9.22 10.73
CA TYR C 175 -3.61 -8.97 11.80
C TYR C 175 -3.84 -9.89 12.97
N THR C 176 -2.71 -10.44 13.44
CA THR C 176 -2.69 -11.33 14.60
C THR C 176 -1.71 -10.81 15.66
N THR C 177 -2.07 -11.02 16.93
CA THR C 177 -1.33 -10.47 18.08
C THR C 177 -1.02 -11.63 19.03
N HIS C 178 0.26 -11.84 19.27
CA HIS C 178 0.73 -13.06 19.92
C HIS C 178 1.46 -12.87 21.26
N LYS C 179 1.56 -13.98 21.99
CA LYS C 179 2.48 -14.14 23.15
C LYS C 179 3.22 -15.38 22.87
N THR C 180 4.53 -15.30 22.78
CA THR C 180 5.33 -16.46 22.48
C THR C 180 5.42 -17.34 23.72
N THR C 181 5.86 -18.56 23.49
CA THR C 181 5.93 -19.56 24.57
C THR C 181 6.81 -19.06 25.71
N GLU C 182 8.04 -18.62 25.36
CA GLU C 182 8.95 -18.02 26.32
C GLU C 182 9.06 -16.52 26.18
N LYS C 183 9.40 -15.87 27.28
CA LYS C 183 9.77 -14.48 27.28
C LYS C 183 11.13 -14.33 26.66
N THR C 184 11.29 -13.26 25.88
CA THR C 184 12.59 -12.88 25.33
C THR C 184 12.99 -11.50 25.84
N LYS C 185 14.13 -11.48 26.54
CA LYS C 185 14.59 -10.28 27.24
C LYS C 185 13.46 -9.60 27.95
N GLY C 186 12.72 -10.37 28.74
CA GLY C 186 11.70 -9.80 29.59
C GLY C 186 10.30 -9.66 29.02
N ASN C 187 10.09 -10.13 27.79
CA ASN C 187 8.84 -9.84 27.17
C ASN C 187 8.43 -10.96 26.19
N ASP C 188 7.16 -11.35 26.20
CA ASP C 188 6.70 -12.39 25.26
C ASP C 188 5.74 -11.83 24.17
N ASN C 189 5.63 -10.51 24.09
CA ASN C 189 4.82 -9.89 23.07
C ASN C 189 5.52 -9.86 21.70
N THR C 190 4.72 -9.82 20.63
CA THR C 190 5.23 -9.85 19.25
C THR C 190 4.94 -8.63 18.42
N GLY C 191 4.04 -7.76 18.92
CA GLY C 191 3.36 -6.79 18.14
C GLY C 191 2.25 -7.44 17.33
N THR C 192 1.60 -6.63 16.52
CA THR C 192 0.45 -7.06 15.78
C THR C 192 0.89 -7.22 14.32
N ILE C 193 0.87 -8.48 13.84
CA ILE C 193 1.56 -8.92 12.60
C ILE C 193 0.58 -9.00 11.46
N CYS C 194 0.96 -8.42 10.31
CA CYS C 194 0.15 -8.46 9.09
C CYS C 194 0.32 -9.76 8.33
N HIS C 195 -0.80 -10.32 7.88
CA HIS C 195 -0.87 -11.39 6.88
C HIS C 195 -1.73 -10.90 5.74
N LYS C 196 -1.14 -10.67 4.59
CA LYS C 196 -1.87 -10.13 3.41
C LYS C 196 -2.17 -11.27 2.42
N PHE C 197 -3.42 -11.29 1.97
CA PHE C 197 -3.94 -12.28 1.04
C PHE C 197 -4.55 -11.59 -0.18
N TYR C 198 -4.47 -12.28 -1.29
CA TYR C 198 -5.39 -12.08 -2.38
C TYR C 198 -6.62 -12.97 -2.18
N LEU C 199 -7.79 -12.37 -2.36
CA LEU C 199 -9.05 -13.05 -2.05
C LEU C 199 -9.43 -13.95 -3.27
N ASP C 200 -9.02 -15.21 -3.20
CA ASP C 200 -9.06 -16.18 -4.34
C ASP C 200 -10.27 -17.11 -4.24
N GLY C 201 -11.12 -16.93 -3.24
CA GLY C 201 -12.36 -17.71 -3.13
C GLY C 201 -12.15 -18.88 -2.18
N SER C 202 -10.97 -18.95 -1.55
CA SER C 202 -10.70 -20.06 -0.64
C SER C 202 -11.72 -20.08 0.51
N GLY C 203 -12.05 -21.26 0.93
CA GLY C 203 -12.87 -21.41 2.15
C GLY C 203 -12.10 -21.06 3.44
N THR C 204 -10.77 -21.06 3.39
CA THR C 204 -9.97 -20.69 4.55
C THR C 204 -8.76 -19.91 4.07
N TYR C 205 -8.51 -18.78 4.75
CA TYR C 205 -7.30 -17.96 4.55
C TYR C 205 -6.45 -18.27 5.74
N VAL C 206 -5.31 -18.93 5.47
CA VAL C 206 -4.49 -19.53 6.50
C VAL C 206 -3.34 -18.58 6.91
N CYS C 207 -3.37 -18.11 8.16
CA CYS C 207 -2.27 -17.30 8.75
C CYS C 207 -1.44 -18.25 9.56
N SER C 208 -0.25 -18.60 9.08
CA SER C 208 0.56 -19.59 9.78
C SER C 208 2.02 -19.20 9.77
N GLY C 209 2.67 -19.37 10.90
CA GLY C 209 4.08 -18.93 11.04
C GLY C 209 4.76 -19.60 12.20
N THR C 210 5.91 -19.06 12.51
CA THR C 210 6.76 -19.58 13.57
C THR C 210 7.31 -18.46 14.40
N PHE C 211 7.65 -18.75 15.66
CA PHE C 211 8.37 -17.80 16.50
C PHE C 211 9.50 -18.53 17.20
N VAL C 212 10.69 -17.93 17.23
CA VAL C 212 11.78 -18.32 18.13
C VAL C 212 11.57 -17.43 19.38
N SER C 213 11.74 -18.00 20.56
CA SER C 213 11.66 -17.19 21.78
C SER C 213 12.58 -17.83 22.86
N GLY C 214 12.82 -17.07 23.93
CA GLY C 214 13.63 -17.55 25.06
C GLY C 214 15.01 -16.94 24.99
N ASP C 215 15.65 -16.79 26.17
CA ASP C 215 17.06 -16.31 26.23
C ASP C 215 18.01 -17.47 26.22
N ARG C 216 18.93 -17.47 25.26
CA ARG C 216 19.91 -18.57 25.13
C ARG C 216 20.81 -18.59 26.39
N THR C 217 20.97 -19.76 27.00
CA THR C 217 22.00 -19.98 28.04
C THR C 217 22.98 -21.06 27.53
N ASP C 218 23.98 -21.39 28.34
CA ASP C 218 24.91 -22.52 28.04
C ASP C 218 24.09 -23.82 27.96
N THR C 219 23.19 -23.96 28.93
CA THR C 219 22.39 -25.16 29.10
C THR C 219 21.24 -25.33 28.08
N LYS C 220 20.58 -24.23 27.70
CA LYS C 220 19.23 -24.25 27.13
C LYS C 220 19.10 -23.29 25.92
N PRO C 221 19.06 -23.85 24.69
CA PRO C 221 18.88 -22.94 23.56
C PRO C 221 17.48 -22.26 23.55
N PRO C 222 17.31 -21.23 22.69
CA PRO C 222 15.97 -20.69 22.44
C PRO C 222 15.04 -21.76 21.91
N ILE C 223 13.77 -21.65 22.19
CA ILE C 223 12.79 -22.59 21.66
C ILE C 223 12.05 -22.11 20.37
N THR C 224 11.43 -23.02 19.64
CA THR C 224 10.65 -22.64 18.45
C THR C 224 9.23 -23.12 18.64
N GLU C 225 8.30 -22.43 18.00
CA GLU C 225 6.90 -22.81 18.05
C GLU C 225 6.27 -22.48 16.67
N PHE C 226 5.24 -23.21 16.33
CA PHE C 226 4.40 -22.95 15.13
C PHE C 226 3.05 -22.44 15.60
N TYR C 227 2.38 -21.60 14.81
CA TYR C 227 1.02 -21.16 15.06
C TYR C 227 0.28 -21.14 13.76
N ARG C 228 -1.03 -21.22 13.89
CA ARG C 228 -1.94 -21.06 12.77
C ARG C 228 -3.28 -20.50 13.24
N VAL C 229 -3.84 -19.58 12.46
CA VAL C 229 -5.26 -19.29 12.54
C VAL C 229 -5.81 -19.23 11.12
N GLY C 230 -6.96 -19.87 10.89
CA GLY C 230 -7.61 -19.85 9.58
C GLY C 230 -8.90 -19.06 9.67
N VAL C 231 -9.11 -18.14 8.77
CA VAL C 231 -10.32 -17.29 8.73
C VAL C 231 -11.06 -17.43 7.41
N SER C 232 -12.34 -17.16 7.45
CA SER C 232 -13.13 -17.13 6.22
C SER C 232 -13.99 -15.89 6.22
N PHE C 233 -14.50 -15.57 5.07
CA PHE C 233 -15.36 -14.39 4.88
C PHE C 233 -16.61 -14.80 4.11
N LYS C 234 -17.73 -14.23 4.53
CA LYS C 234 -19.00 -14.37 3.80
C LYS C 234 -19.75 -13.05 3.95
N GLY C 235 -20.05 -12.41 2.82
CA GLY C 235 -20.66 -11.08 2.76
C GLY C 235 -20.01 -10.05 3.67
N SER C 236 -20.80 -9.48 4.61
CA SER C 236 -20.31 -8.55 5.67
C SER C 236 -20.00 -9.25 7.01
N THR C 237 -19.44 -10.46 6.93
CA THR C 237 -19.03 -11.23 8.10
C THR C 237 -17.71 -11.97 7.87
N TRP C 238 -17.08 -12.34 8.96
CA TRP C 238 -15.91 -13.22 8.96
C TRP C 238 -16.01 -14.21 10.08
N THR C 239 -15.38 -15.38 9.89
CA THR C 239 -15.42 -16.48 10.82
C THR C 239 -13.99 -16.90 11.09
N LEU C 240 -13.73 -17.21 12.35
CA LEU C 240 -12.45 -17.82 12.76
C LEU C 240 -12.71 -19.30 12.69
N VAL C 241 -12.09 -19.94 11.72
CA VAL C 241 -12.47 -21.27 11.28
C VAL C 241 -11.70 -22.32 12.05
N ASP C 242 -10.40 -22.13 12.20
CA ASP C 242 -9.57 -23.16 12.79
C ASP C 242 -8.35 -22.49 13.42
N SER C 243 -7.64 -23.20 14.29
CA SER C 243 -6.38 -22.69 14.82
C SER C 243 -5.50 -23.80 15.40
N ALA C 244 -4.24 -23.44 15.63
CA ALA C 244 -3.27 -24.27 16.32
C ALA C 244 -2.34 -23.37 17.15
N VAL C 245 -2.30 -23.61 18.45
CA VAL C 245 -1.50 -22.76 19.37
C VAL C 245 -0.68 -23.75 20.14
N GLN C 246 0.63 -23.54 20.28
CA GLN C 246 1.48 -24.51 20.91
C GLN C 246 1.89 -24.12 22.34
N ASN C 247 1.07 -23.33 23.00
CA ASN C 247 1.28 -22.96 24.40
C ASN C 247 -0.08 -22.67 24.95
N SER C 248 -0.14 -22.25 26.20
CA SER C 248 -1.42 -21.98 26.87
C SER C 248 -1.76 -20.50 26.86
N LYS C 249 -0.98 -19.66 26.21
CA LYS C 249 -1.27 -18.22 26.21
C LYS C 249 -2.31 -17.86 25.18
N THR C 250 -2.98 -16.74 25.38
CA THR C 250 -4.04 -16.32 24.51
C THR C 250 -3.45 -15.56 23.31
N GLN C 251 -3.84 -16.01 22.12
CA GLN C 251 -3.51 -15.39 20.82
C GLN C 251 -4.76 -14.82 20.21
N TYR C 252 -4.66 -13.67 19.53
CA TYR C 252 -5.82 -13.02 18.96
C TYR C 252 -5.70 -12.66 17.49
N VAL C 253 -6.83 -12.69 16.80
CA VAL C 253 -7.00 -11.94 15.59
C VAL C 253 -7.49 -10.58 16.06
N THR C 254 -6.88 -9.51 15.57
CA THR C 254 -7.18 -8.19 16.05
C THR C 254 -7.63 -7.17 15.04
N ARG C 255 -7.28 -7.32 13.76
CA ARG C 255 -7.66 -6.36 12.75
C ARG C 255 -7.82 -7.03 11.41
N ILE C 256 -8.76 -6.54 10.64
CA ILE C 256 -9.00 -7.00 9.24
C ILE C 256 -9.17 -5.75 8.45
N ILE C 257 -8.27 -5.52 7.50
CA ILE C 257 -8.30 -4.38 6.61
C ILE C 257 -8.52 -4.85 5.14
N GLY C 258 -9.59 -4.38 4.51
CA GLY C 258 -9.83 -4.65 3.11
C GLY C 258 -8.99 -3.73 2.24
N ILE C 259 -8.44 -4.28 1.18
CA ILE C 259 -7.44 -3.61 0.36
C ILE C 259 -7.85 -3.76 -1.09
N ASN C 260 -7.78 -2.66 -1.83
CA ASN C 260 -7.85 -2.68 -3.30
C ASN C 260 -6.58 -2.21 -3.94
N MET C 261 -6.12 -2.95 -4.95
CA MET C 261 -4.96 -2.61 -5.74
C MET C 261 -5.38 -2.75 -7.23
N PRO C 262 -6.18 -1.81 -7.72
CA PRO C 262 -6.82 -1.88 -9.04
C PRO C 262 -5.77 -1.85 -10.13
C ACT D . 0.44 -0.18 -3.51
O ACT D . 0.17 0.64 -4.33
OXT ACT D . 1.33 -0.11 -2.64
CH3 ACT D . -0.37 -1.37 -3.56
C ACT E . 3.35 -8.62 4.27
O ACT E . 2.24 -8.85 4.82
OXT ACT E . 4.32 -8.01 4.81
CH3 ACT E . 3.50 -9.15 2.89
C ACT F . 12.02 -30.31 2.17
O ACT F . 11.46 -29.19 2.22
OXT ACT F . 12.85 -30.70 3.04
CH3 ACT F . 11.69 -31.23 1.02
NA NA G . -2.93 7.74 -3.37
C ACT H . 6.63 19.19 -14.04
O ACT H . 6.67 20.43 -14.14
OXT ACT H . 6.88 18.50 -12.99
CH3 ACT H . 6.21 18.54 -15.28
C ACT I . -3.86 0.61 1.07
O ACT I . -4.76 1.38 0.88
OXT ACT I . -3.31 -0.06 0.19
CH3 ACT I . -3.38 0.44 2.45
#